data_3Q9D
#
_entry.id   3Q9D
#
_cell.length_a   86.392
_cell.length_b   86.392
_cell.length_c   99.591
_cell.angle_alpha   90.00
_cell.angle_beta   90.00
_cell.angle_gamma   120.00
#
_symmetry.space_group_name_H-M   'P 63'
#
loop_
_entity.id
_entity.type
_entity.pdbx_description
1 polymer 'Protein CPn_0803/CP_1068/CPj0803/CpB0832'
2 water water
#
_entity_poly.entity_id   1
_entity_poly.type   'polypeptide(L)'
_entity_poly.pdbx_seq_one_letter_code
;MSYYHHHHHHLESTSLYKKAGLDYDIPTTENLYFQGMAAKTKTLELEDNVFLLLEGNLKRIFATPIGYTTFREFQNVVFN
CANGQQEIANFFFEMLINGKLTQELAPQQKQAAHSLIAEFMMPIRVAKDIHERGEFINFITSDMLTQQERCIFLNRLARV
DGQEFLLMTDVQNTCHLIRHLLARLLEAQKNPVGEKNLQEIQEEITSLKNHFDELTKALQ
;
_entity_poly.pdbx_strand_id   A,B
#
# COMPACT_ATOMS: atom_id res chain seq x y z
N LEU A 44 44.47 -2.17 -20.66
CA LEU A 44 43.16 -2.02 -21.30
C LEU A 44 43.22 -1.00 -22.44
N GLU A 45 42.67 -1.38 -23.59
CA GLU A 45 42.65 -0.51 -24.76
C GLU A 45 41.25 -0.20 -25.25
N LEU A 46 40.70 0.93 -24.80
CA LEU A 46 39.36 1.35 -25.17
C LEU A 46 39.36 2.53 -26.13
N GLU A 47 38.49 2.50 -27.14
CA GLU A 47 38.30 3.65 -28.03
C GLU A 47 37.28 4.61 -27.41
N ASP A 48 37.41 5.91 -27.68
CA ASP A 48 36.48 6.92 -27.14
C ASP A 48 35.05 6.53 -27.50
N ASN A 49 34.93 5.82 -28.62
CA ASN A 49 33.61 5.47 -29.09
C ASN A 49 32.85 4.62 -28.07
N VAL A 50 33.57 3.85 -27.27
CA VAL A 50 32.95 2.95 -26.30
CA VAL A 50 32.93 2.95 -26.30
C VAL A 50 32.23 3.72 -25.19
N PHE A 51 32.86 4.78 -24.70
CA PHE A 51 32.25 5.60 -23.68
C PHE A 51 31.00 6.25 -24.23
N LEU A 52 31.07 6.71 -25.48
CA LEU A 52 29.94 7.36 -26.11
C LEU A 52 28.75 6.42 -26.32
N LEU A 53 29.04 5.23 -26.84
CA LEU A 53 28.01 4.22 -27.06
C LEU A 53 27.40 3.77 -25.74
N LEU A 54 28.25 3.59 -24.72
CA LEU A 54 27.79 3.17 -23.41
C LEU A 54 26.87 4.21 -22.80
N GLU A 55 27.23 5.48 -22.95
CA GLU A 55 26.40 6.56 -22.41
C GLU A 55 25.01 6.58 -23.05
N GLY A 56 24.96 6.48 -24.37
CA GLY A 56 23.68 6.46 -25.07
C GLY A 56 22.80 5.30 -24.62
N ASN A 57 23.40 4.11 -24.50
CA ASN A 57 22.66 2.93 -24.04
C ASN A 57 22.15 3.05 -22.58
N LEU A 58 22.96 3.64 -21.71
CA LEU A 58 22.54 3.87 -20.34
C LEU A 58 21.46 4.96 -20.30
N LYS A 59 21.66 6.05 -21.04
CA LYS A 59 20.60 7.05 -21.10
C LYS A 59 19.28 6.42 -21.52
N ARG A 60 19.32 5.50 -22.49
CA ARG A 60 18.09 4.86 -22.94
CA ARG A 60 18.11 4.84 -22.95
C ARG A 60 17.44 4.04 -21.85
N ILE A 61 18.20 3.17 -21.18
CA ILE A 61 17.64 2.30 -20.14
CA ILE A 61 17.56 2.31 -20.20
C ILE A 61 17.03 3.10 -19.01
N PHE A 62 17.69 4.20 -18.66
CA PHE A 62 17.21 5.00 -17.53
C PHE A 62 16.18 6.07 -17.89
N ALA A 63 15.79 6.12 -19.16
CA ALA A 63 14.78 7.08 -19.60
C ALA A 63 13.38 6.73 -19.08
N THR A 64 13.12 5.44 -18.90
CA THR A 64 11.83 4.98 -18.35
C THR A 64 11.96 4.64 -16.86
N PRO A 65 10.83 4.46 -16.15
CA PRO A 65 10.91 4.15 -14.71
C PRO A 65 11.83 2.96 -14.42
N ILE A 66 12.65 3.05 -13.38
CA ILE A 66 13.41 1.88 -12.95
C ILE A 66 12.42 0.80 -12.51
N GLY A 67 12.67 -0.44 -12.88
CA GLY A 67 11.85 -1.55 -12.44
C GLY A 67 12.73 -2.71 -11.99
N TYR A 68 12.11 -3.87 -11.86
CA TYR A 68 12.78 -5.03 -11.29
C TYR A 68 13.69 -5.67 -12.32
N THR A 69 13.55 -5.30 -13.59
CA THR A 69 14.46 -5.86 -14.58
C THR A 69 15.65 -4.94 -14.90
N THR A 70 15.64 -3.73 -14.36
CA THR A 70 16.55 -2.68 -14.81
C THR A 70 18.02 -2.98 -14.46
N PHE A 71 18.27 -3.55 -13.29
CA PHE A 71 19.66 -3.88 -12.98
C PHE A 71 20.21 -4.92 -13.94
N ARG A 72 19.39 -5.94 -14.22
CA ARG A 72 19.82 -6.94 -15.19
C ARG A 72 19.95 -6.37 -16.59
N GLU A 73 19.10 -5.39 -16.93
CA GLU A 73 19.20 -4.79 -18.25
C GLU A 73 20.52 -4.01 -18.39
N PHE A 74 20.87 -3.29 -17.31
CA PHE A 74 22.16 -2.63 -17.23
C PHE A 74 23.35 -3.61 -17.37
N GLN A 75 23.31 -4.73 -16.67
CA GLN A 75 24.40 -5.70 -16.81
C GLN A 75 24.52 -6.14 -18.25
N ASN A 76 23.39 -6.35 -18.91
CA ASN A 76 23.40 -6.79 -20.32
C ASN A 76 24.05 -5.75 -21.24
N VAL A 77 23.77 -4.47 -20.97
CA VAL A 77 24.41 -3.36 -21.67
C VAL A 77 25.93 -3.37 -21.49
N VAL A 78 26.37 -3.58 -20.25
CA VAL A 78 27.81 -3.66 -20.01
C VAL A 78 28.45 -4.85 -20.72
N PHE A 79 27.82 -6.03 -20.62
CA PHE A 79 28.38 -7.20 -21.28
C PHE A 79 28.41 -7.01 -22.79
N ASN A 80 27.35 -6.45 -23.36
CA ASN A 80 27.31 -6.17 -24.81
C ASN A 80 28.47 -5.26 -25.19
N CYS A 81 28.68 -4.22 -24.41
CA CYS A 81 29.77 -3.28 -24.64
CA CYS A 81 29.77 -3.28 -24.68
C CYS A 81 31.15 -3.96 -24.53
N ALA A 82 31.30 -4.82 -23.54
CA ALA A 82 32.56 -5.53 -23.30
C ALA A 82 32.85 -6.56 -24.39
N ASN A 83 31.79 -7.00 -25.06
CA ASN A 83 31.94 -7.86 -26.23
C ASN A 83 32.72 -9.13 -25.91
N GLY A 84 32.46 -9.71 -24.75
CA GLY A 84 33.08 -10.98 -24.37
C GLY A 84 34.40 -10.82 -23.62
N GLN A 85 34.77 -9.57 -23.36
CA GLN A 85 36.00 -9.29 -22.66
C GLN A 85 35.70 -9.01 -21.18
N GLN A 86 35.95 -9.99 -20.32
CA GLN A 86 35.60 -9.85 -18.91
C GLN A 86 36.29 -8.65 -18.26
N GLU A 87 37.53 -8.35 -18.67
CA GLU A 87 38.27 -7.25 -18.04
C GLU A 87 37.62 -5.89 -18.33
N ILE A 88 37.01 -5.76 -19.50
CA ILE A 88 36.32 -4.52 -19.86
C ILE A 88 34.98 -4.42 -19.11
N ALA A 89 34.23 -5.52 -19.08
CA ALA A 89 33.01 -5.56 -18.27
C ALA A 89 33.31 -5.16 -16.83
N ASN A 90 34.33 -5.77 -16.23
CA ASN A 90 34.66 -5.46 -14.83
C ASN A 90 35.09 -4.01 -14.64
N PHE A 91 35.78 -3.46 -15.63
CA PHE A 91 36.18 -2.06 -15.55
C PHE A 91 34.93 -1.20 -15.41
N PHE A 92 33.95 -1.42 -16.27
CA PHE A 92 32.72 -0.61 -16.22
C PHE A 92 31.84 -0.87 -15.01
N PHE A 93 31.80 -2.13 -14.55
CA PHE A 93 31.07 -2.44 -13.32
C PHE A 93 31.69 -1.75 -12.09
N GLU A 94 33.00 -1.83 -11.93
CA GLU A 94 33.67 -1.11 -10.83
C GLU A 94 33.39 0.39 -10.93
N MET A 95 33.53 0.94 -12.13
CA MET A 95 33.27 2.35 -12.35
CA MET A 95 33.28 2.35 -12.36
C MET A 95 31.84 2.75 -12.00
N LEU A 96 30.86 2.04 -12.57
CA LEU A 96 29.45 2.44 -12.50
C LEU A 96 28.68 1.94 -11.27
N ILE A 97 29.11 0.81 -10.72
CA ILE A 97 28.49 0.30 -9.50
C ILE A 97 29.21 0.87 -8.26
N ASN A 98 30.54 0.87 -8.29
CA ASN A 98 31.34 1.32 -7.14
C ASN A 98 31.93 2.73 -7.22
N GLY A 99 31.78 3.41 -8.35
CA GLY A 99 32.40 4.72 -8.56
C GLY A 99 33.93 4.72 -8.55
N LYS A 100 34.52 3.55 -8.81
CA LYS A 100 35.98 3.38 -8.72
C LYS A 100 36.60 3.14 -10.09
N LEU A 101 37.70 3.83 -10.37
CA LEU A 101 38.40 3.70 -11.64
C LEU A 101 39.62 2.79 -11.44
N THR A 102 39.61 1.62 -12.09
CA THR A 102 40.61 0.59 -11.78
C THR A 102 41.82 0.65 -12.69
N GLN A 103 41.88 1.66 -13.55
CA GLN A 103 43.12 1.98 -14.26
C GLN A 103 43.12 3.44 -14.66
N GLU A 104 44.31 3.98 -14.88
CA GLU A 104 44.47 5.36 -15.35
C GLU A 104 43.84 5.52 -16.74
N LEU A 105 43.08 6.58 -16.93
CA LEU A 105 42.48 6.88 -18.22
C LEU A 105 43.10 8.17 -18.72
N ALA A 106 43.16 8.34 -20.04
CA ALA A 106 43.60 9.61 -20.60
C ALA A 106 42.60 10.69 -20.20
N PRO A 107 43.03 11.94 -20.13
CA PRO A 107 42.14 12.98 -19.59
C PRO A 107 40.71 13.04 -20.18
N GLN A 108 40.55 12.95 -21.50
CA GLN A 108 39.19 13.00 -22.05
C GLN A 108 38.32 11.82 -21.64
N GLN A 109 38.93 10.65 -21.54
CA GLN A 109 38.20 9.47 -21.09
C GLN A 109 37.95 9.53 -19.60
N LYS A 110 38.91 10.05 -18.84
CA LYS A 110 38.69 10.18 -17.41
C LYS A 110 37.50 11.10 -17.16
N GLN A 111 37.45 12.23 -17.86
CA GLN A 111 36.30 13.13 -17.76
C GLN A 111 34.97 12.45 -18.09
N ALA A 112 34.97 11.62 -19.13
CA ALA A 112 33.74 10.94 -19.52
C ALA A 112 33.34 9.93 -18.44
N ALA A 113 34.31 9.22 -17.87
CA ALA A 113 34.03 8.26 -16.80
C ALA A 113 33.41 8.99 -15.61
N HIS A 114 33.98 10.14 -15.24
CA HIS A 114 33.40 10.91 -14.13
C HIS A 114 31.97 11.34 -14.43
N SER A 115 31.70 11.69 -15.69
CA SER A 115 30.35 12.11 -16.07
C SER A 115 29.38 10.92 -15.95
N LEU A 116 29.82 9.76 -16.40
CA LEU A 116 28.99 8.54 -16.34
C LEU A 116 28.72 8.15 -14.90
N ILE A 117 29.72 8.31 -14.05
CA ILE A 117 29.57 8.00 -12.64
C ILE A 117 28.52 8.93 -12.03
N ALA A 118 28.67 10.23 -12.31
CA ALA A 118 27.75 11.23 -11.76
C ALA A 118 26.33 10.97 -12.25
N GLU A 119 26.18 10.67 -13.53
CA GLU A 119 24.84 10.47 -14.08
C GLU A 119 24.19 9.14 -13.66
N PHE A 120 24.98 8.07 -13.53
CA PHE A 120 24.38 6.74 -13.48
C PHE A 120 24.61 5.92 -12.25
N MET A 121 25.57 6.29 -11.42
CA MET A 121 25.90 5.45 -10.28
C MET A 121 24.72 5.27 -9.32
N MET A 122 24.08 6.36 -8.93
CA MET A 122 22.95 6.27 -7.99
CA MET A 122 22.96 6.27 -8.00
C MET A 122 21.74 5.53 -8.60
N PRO A 123 21.36 5.86 -9.84
CA PRO A 123 20.23 5.15 -10.45
C PRO A 123 20.53 3.64 -10.58
N ILE A 124 21.78 3.29 -10.88
CA ILE A 124 22.18 1.87 -10.91
C ILE A 124 22.09 1.20 -9.54
N ARG A 125 22.56 1.89 -8.51
CA ARG A 125 22.42 1.40 -7.13
C ARG A 125 20.96 1.27 -6.70
N VAL A 126 20.13 2.22 -7.12
CA VAL A 126 18.69 2.11 -6.88
C VAL A 126 18.09 0.93 -7.64
N ALA A 127 18.49 0.74 -8.91
CA ALA A 127 18.04 -0.46 -9.64
C ALA A 127 18.43 -1.75 -8.92
N LYS A 128 19.66 -1.79 -8.42
CA LYS A 128 20.13 -2.97 -7.68
C LYS A 128 19.32 -3.14 -6.39
N ASP A 129 19.06 -2.03 -5.70
CA ASP A 129 18.25 -2.05 -4.48
CA ASP A 129 18.23 -2.02 -4.49
C ASP A 129 16.84 -2.57 -4.75
N ILE A 130 16.22 -2.14 -5.85
CA ILE A 130 14.86 -2.54 -6.20
C ILE A 130 14.81 -4.05 -6.49
N HIS A 131 15.78 -4.49 -7.29
CA HIS A 131 15.99 -5.91 -7.55
C HIS A 131 16.02 -6.73 -6.24
N GLU A 132 16.64 -6.17 -5.21
CA GLU A 132 16.84 -6.90 -3.95
C GLU A 132 15.68 -6.73 -2.98
N ARG A 133 15.14 -5.52 -2.88
CA ARG A 133 14.16 -5.18 -1.84
C ARG A 133 13.15 -4.08 -2.27
N GLY A 134 12.79 -4.08 -3.54
CA GLY A 134 11.87 -3.08 -4.07
C GLY A 134 10.53 -3.03 -3.36
N GLU A 135 10.08 -4.13 -2.78
CA GLU A 135 8.76 -4.12 -2.13
C GLU A 135 8.76 -3.70 -0.67
N PHE A 136 9.94 -3.34 -0.14
CA PHE A 136 9.97 -2.88 1.23
C PHE A 136 9.46 -1.45 1.36
N ILE A 137 8.87 -1.17 2.51
CA ILE A 137 8.44 0.18 2.81
C ILE A 137 9.64 1.15 2.77
N ASN A 138 9.44 2.35 2.22
CA ASN A 138 10.48 3.38 2.13
C ASN A 138 10.09 4.67 2.85
N PHE A 139 8.80 4.98 2.84
CA PHE A 139 8.35 6.23 3.42
C PHE A 139 6.83 6.19 3.63
N ILE A 140 6.33 6.95 4.60
CA ILE A 140 4.89 7.06 4.79
C ILE A 140 4.56 8.50 5.16
N THR A 141 3.48 9.02 4.60
CA THR A 141 3.00 10.34 5.03
C THR A 141 1.56 10.17 5.51
N SER A 142 1.11 11.10 6.35
CA SER A 142 -0.27 11.09 6.83
C SER A 142 -0.75 12.52 6.91
N ASP A 143 -1.98 12.76 6.50
CA ASP A 143 -2.61 14.06 6.68
C ASP A 143 -3.91 13.86 7.41
N MET A 144 -4.06 14.55 8.52
CA MET A 144 -5.27 14.45 9.30
C MET A 144 -6.34 15.36 8.71
N LEU A 145 -7.54 14.82 8.57
CA LEU A 145 -8.68 15.60 8.11
C LEU A 145 -9.74 15.57 9.19
N THR A 146 -10.22 16.74 9.60
CA THR A 146 -11.26 16.77 10.62
C THR A 146 -12.58 17.14 9.96
N GLN A 147 -13.50 16.20 9.96
CA GLN A 147 -14.82 16.42 9.37
C GLN A 147 -15.89 15.88 10.32
N GLN A 148 -17.01 16.60 10.42
CA GLN A 148 -18.09 16.15 11.27
C GLN A 148 -17.57 15.97 12.69
N GLU A 149 -17.82 14.79 13.24
CA GLU A 149 -17.38 14.43 14.58
C GLU A 149 -16.03 13.73 14.52
N ARG A 150 -15.45 13.69 13.32
CA ARG A 150 -14.56 12.54 13.17
CA ARG A 150 -14.59 12.63 12.73
C ARG A 150 -13.19 12.97 12.67
N CYS A 151 -12.12 12.39 13.24
CA CYS A 151 -10.75 12.62 12.83
CA CYS A 151 -10.77 12.66 12.77
C CYS A 151 -10.29 11.46 11.96
N ILE A 152 -9.95 11.72 10.70
CA ILE A 152 -9.42 10.65 9.85
C ILE A 152 -8.07 11.01 9.26
N PHE A 153 -7.34 10.01 8.77
CA PHE A 153 -6.01 10.22 8.24
C PHE A 153 -5.94 9.73 6.83
N LEU A 154 -5.43 10.57 5.93
CA LEU A 154 -5.09 10.14 4.58
C LEU A 154 -3.63 9.71 4.60
N ASN A 155 -3.40 8.41 4.61
CA ASN A 155 -2.04 7.88 4.67
C ASN A 155 -1.54 7.52 3.29
N ARG A 156 -0.25 7.79 3.05
CA ARG A 156 0.36 7.34 1.80
C ARG A 156 1.58 6.49 2.10
N LEU A 157 1.58 5.26 1.62
CA LEU A 157 2.66 4.29 1.80
CA LEU A 157 2.60 4.22 1.76
C LEU A 157 3.53 4.20 0.56
N ALA A 158 4.84 4.43 0.64
CA ALA A 158 5.70 4.41 -0.55
C ALA A 158 6.70 3.30 -0.34
N ARG A 159 6.91 2.50 -1.37
CA ARG A 159 7.90 1.44 -1.30
C ARG A 159 9.25 1.86 -1.90
N VAL A 160 10.28 1.07 -1.63
CA VAL A 160 11.60 1.29 -2.22
C VAL A 160 11.52 1.40 -3.76
N ASP A 161 10.61 0.65 -4.38
CA ASP A 161 10.48 0.73 -5.84
C ASP A 161 9.69 1.95 -6.35
N GLY A 162 9.27 2.82 -5.44
CA GLY A 162 8.58 4.04 -5.85
C GLY A 162 7.06 3.94 -5.94
N GLN A 163 6.52 2.73 -5.87
CA GLN A 163 5.07 2.59 -5.93
C GLN A 163 4.48 3.07 -4.62
N GLU A 164 3.31 3.67 -4.68
CA GLU A 164 2.67 4.24 -3.49
C GLU A 164 1.24 3.72 -3.38
N PHE A 165 0.67 3.78 -2.19
CA PHE A 165 -0.69 3.33 -2.00
C PHE A 165 -1.35 4.31 -1.05
N LEU A 166 -2.53 4.78 -1.39
CA LEU A 166 -3.28 5.68 -0.49
C LEU A 166 -4.17 4.83 0.41
N LEU A 167 -4.17 5.12 1.71
CA LEU A 167 -5.01 4.35 2.62
C LEU A 167 -5.63 5.29 3.65
N MET A 168 -6.97 5.30 3.76
CA MET A 168 -7.64 6.11 4.79
C MET A 168 -7.81 5.29 6.05
N THR A 169 -7.67 5.92 7.22
CA THR A 169 -7.89 5.26 8.51
C THR A 169 -8.60 6.22 9.44
N ASP A 170 -9.52 5.72 10.25
CA ASP A 170 -10.03 6.56 11.32
C ASP A 170 -9.25 6.18 12.58
N VAL A 171 -9.61 6.72 13.73
CA VAL A 171 -8.80 6.52 14.91
C VAL A 171 -8.84 5.05 15.38
N GLN A 172 -10.00 4.42 15.27
CA GLN A 172 -10.07 3.02 15.61
C GLN A 172 -9.26 2.13 14.66
N ASN A 173 -9.35 2.36 13.34
CA ASN A 173 -8.52 1.62 12.37
C ASN A 173 -7.05 1.75 12.74
N THR A 174 -6.65 2.96 13.13
CA THR A 174 -5.26 3.21 13.43
C THR A 174 -4.80 2.35 14.60
N CYS A 175 -5.63 2.30 15.64
CA CYS A 175 -5.35 1.46 16.80
CA CYS A 175 -5.37 1.47 16.80
C CYS A 175 -5.30 -0.02 16.44
N HIS A 176 -6.20 -0.47 15.59
CA HIS A 176 -6.17 -1.87 15.20
C HIS A 176 -4.92 -2.20 14.41
N LEU A 177 -4.52 -1.28 13.54
CA LEU A 177 -3.28 -1.45 12.78
C LEU A 177 -2.06 -1.55 13.71
N ILE A 178 -2.01 -0.68 14.70
CA ILE A 178 -0.92 -0.72 15.69
C ILE A 178 -0.91 -2.08 16.42
N ARG A 179 -2.08 -2.56 16.82
CA ARG A 179 -2.16 -3.80 17.60
C ARG A 179 -1.69 -4.99 16.75
N HIS A 180 -2.14 -5.02 15.50
CA HIS A 180 -1.72 -6.02 14.54
C HIS A 180 -0.20 -6.02 14.36
N LEU A 181 0.40 -4.85 14.15
CA LEU A 181 1.86 -4.76 14.00
C LEU A 181 2.63 -5.13 15.27
N LEU A 182 2.11 -4.75 16.43
CA LEU A 182 2.72 -5.19 17.69
C LEU A 182 2.61 -6.71 17.87
N ALA A 183 1.44 -7.26 17.57
CA ALA A 183 1.25 -8.70 17.62
C ALA A 183 2.34 -9.40 16.79
N ARG A 184 2.66 -8.81 15.64
CA ARG A 184 3.67 -9.39 14.75
C ARG A 184 5.07 -9.31 15.32
N LEU A 185 5.40 -8.21 15.99
CA LEU A 185 6.71 -8.14 16.64
C LEU A 185 6.79 -9.14 17.79
N LEU A 186 5.68 -9.35 18.48
CA LEU A 186 5.65 -10.31 19.57
C LEU A 186 5.90 -11.73 19.04
N GLU A 187 5.39 -12.02 17.85
CA GLU A 187 5.68 -13.33 17.27
C GLU A 187 7.14 -13.41 16.81
N ALA A 188 7.67 -12.35 16.21
CA ALA A 188 9.09 -12.33 15.89
C ALA A 188 9.98 -12.57 17.13
N GLN A 189 9.51 -12.12 18.29
CA GLN A 189 10.31 -12.20 19.51
CA GLN A 189 10.26 -12.20 19.54
C GLN A 189 10.48 -13.65 19.99
N LYS A 190 9.53 -14.52 19.64
CA LYS A 190 9.60 -15.96 20.00
C LYS A 190 10.68 -16.69 19.21
N ASN A 191 10.92 -16.22 18.00
CA ASN A 191 11.88 -16.80 17.08
C ASN A 191 13.29 -16.26 17.35
N PRO A 192 14.29 -17.15 17.35
CA PRO A 192 15.66 -16.77 17.71
C PRO A 192 16.21 -15.62 16.86
N VAL A 193 15.93 -15.63 15.56
CA VAL A 193 16.39 -14.56 14.68
C VAL A 193 15.69 -13.24 15.04
N GLY A 194 14.36 -13.29 15.06
CA GLY A 194 13.54 -12.14 15.43
C GLY A 194 13.95 -11.53 16.76
N GLU A 195 14.29 -12.38 17.72
CA GLU A 195 14.70 -11.92 19.04
C GLU A 195 15.97 -11.07 18.97
N LYS A 196 16.92 -11.51 18.12
CA LYS A 196 18.19 -10.81 17.97
C LYS A 196 17.98 -9.51 17.24
N ASN A 197 17.11 -9.53 16.24
CA ASN A 197 16.74 -8.31 15.51
C ASN A 197 16.15 -7.29 16.48
N LEU A 198 15.27 -7.75 17.36
CA LEU A 198 14.62 -6.83 18.30
C LEU A 198 15.60 -6.30 19.35
N GLN A 199 16.54 -7.13 19.78
CA GLN A 199 17.51 -6.68 20.77
C GLN A 199 18.36 -5.55 20.18
N GLU A 200 18.55 -5.59 18.87
CA GLU A 200 19.32 -4.55 18.17
C GLU A 200 18.68 -3.16 18.24
N ILE A 201 17.36 -3.11 18.34
CA ILE A 201 16.66 -1.83 18.41
C ILE A 201 15.95 -1.68 19.74
N GLN A 202 16.51 -2.28 20.78
CA GLN A 202 15.84 -2.30 22.07
C GLN A 202 15.50 -0.90 22.55
N GLU A 203 16.34 0.07 22.20
CA GLU A 203 16.11 1.43 22.62
C GLU A 203 14.92 2.05 21.91
N GLU A 204 14.77 1.73 20.63
CA GLU A 204 13.64 2.23 19.86
C GLU A 204 12.32 1.66 20.36
N ILE A 205 12.33 0.38 20.75
CA ILE A 205 11.14 -0.23 21.34
C ILE A 205 10.75 0.43 22.67
N THR A 206 11.70 0.56 23.60
CA THR A 206 11.37 1.16 24.89
C THR A 206 10.74 2.52 24.68
N SER A 207 11.21 3.24 23.66
CA SER A 207 10.66 4.55 23.32
C SER A 207 9.19 4.50 22.89
N LEU A 208 8.85 3.57 22.01
CA LEU A 208 7.46 3.37 21.61
C LEU A 208 6.57 3.30 22.85
N LYS A 209 6.96 2.44 23.80
CA LYS A 209 6.23 2.28 25.04
C LYS A 209 6.09 3.64 25.74
N ASN A 210 7.16 4.42 25.74
CA ASN A 210 7.09 5.79 26.28
C ASN A 210 5.99 6.62 25.62
N HIS A 211 6.09 6.78 24.30
CA HIS A 211 5.09 7.52 23.53
C HIS A 211 3.68 7.04 23.81
N PHE A 212 3.52 5.73 23.95
CA PHE A 212 2.22 5.16 24.25
C PHE A 212 1.76 5.48 25.69
N ASP A 213 2.67 5.35 26.64
CA ASP A 213 2.36 5.74 28.02
C ASP A 213 1.95 7.22 28.06
N GLU A 214 2.55 8.02 27.21
CA GLU A 214 2.22 9.43 27.11
C GLU A 214 0.80 9.64 26.57
N LEU A 215 0.38 8.77 25.64
CA LEU A 215 -0.95 8.86 25.06
C LEU A 215 -2.05 8.42 26.04
N THR A 216 -1.75 7.38 26.82
CA THR A 216 -2.72 6.84 27.78
C THR A 216 -3.00 7.76 28.96
N LYS A 217 -1.96 8.40 29.49
CA LYS A 217 -2.16 9.34 30.61
C LYS A 217 -3.20 10.39 30.21
N ALA A 218 -3.01 10.97 29.02
CA ALA A 218 -3.98 11.90 28.46
C ALA A 218 -5.13 11.14 27.80
N LEU B 44 -48.81 0.98 -7.73
CA LEU B 44 -48.12 1.55 -8.89
C LEU B 44 -48.34 0.68 -10.12
N GLU B 45 -48.20 1.29 -11.31
CA GLU B 45 -48.42 0.55 -12.54
C GLU B 45 -47.09 0.17 -13.18
N LEU B 46 -46.87 -1.12 -13.38
CA LEU B 46 -45.62 -1.62 -13.94
C LEU B 46 -45.81 -2.70 -15.00
N GLU B 47 -44.95 -2.67 -16.02
CA GLU B 47 -45.02 -3.65 -17.10
C GLU B 47 -44.40 -4.97 -16.68
N ASN B 49 -43.02 -6.36 -17.71
CA ASN B 49 -41.77 -7.09 -17.64
C ASN B 49 -40.61 -6.21 -17.20
N VAL B 50 -40.91 -5.21 -16.39
CA VAL B 50 -39.89 -4.28 -15.90
C VAL B 50 -38.85 -5.00 -15.04
N PHE B 51 -39.29 -5.99 -14.28
CA PHE B 51 -38.39 -6.74 -13.41
C PHE B 51 -37.30 -7.48 -14.17
N LEU B 52 -37.66 -8.06 -15.30
CA LEU B 52 -36.68 -8.77 -16.12
C LEU B 52 -35.74 -7.79 -16.80
N LEU B 53 -36.25 -6.64 -17.19
CA LEU B 53 -35.40 -5.66 -17.86
C LEU B 53 -34.48 -5.02 -16.84
N LEU B 54 -34.99 -4.79 -15.64
CA LEU B 54 -34.17 -4.35 -14.54
C LEU B 54 -33.09 -5.39 -14.24
N GLU B 55 -33.47 -6.66 -14.18
CA GLU B 55 -32.52 -7.73 -13.93
C GLU B 55 -31.37 -7.75 -14.95
N GLY B 56 -31.71 -7.72 -16.23
CA GLY B 56 -30.66 -7.81 -17.24
C GLY B 56 -29.70 -6.64 -17.09
N ASN B 57 -30.26 -5.46 -16.84
CA ASN B 57 -29.43 -4.26 -16.69
C ASN B 57 -28.53 -4.28 -15.45
N LEU B 58 -29.05 -4.77 -14.33
CA LEU B 58 -28.25 -4.89 -13.12
C LEU B 58 -27.18 -5.96 -13.31
N LYS B 59 -27.54 -7.07 -13.96
CA LYS B 59 -26.53 -8.10 -14.23
C LYS B 59 -25.39 -7.50 -15.05
N ARG B 60 -25.72 -6.66 -16.04
CA ARG B 60 -24.66 -6.05 -16.85
C ARG B 60 -23.76 -5.13 -16.03
N ILE B 61 -24.34 -4.22 -15.23
CA ILE B 61 -23.45 -3.28 -14.55
C ILE B 61 -22.62 -3.94 -13.45
N PHE B 62 -23.11 -5.05 -12.89
CA PHE B 62 -22.36 -5.76 -11.87
C PHE B 62 -21.44 -6.89 -12.40
N ALA B 63 -21.42 -7.09 -13.71
CA ALA B 63 -20.57 -8.11 -14.30
C ALA B 63 -19.08 -7.70 -14.29
N THR B 64 -18.80 -6.39 -14.21
CA THR B 64 -17.41 -5.91 -14.10
C THR B 64 -17.08 -5.54 -12.65
N PRO B 65 -15.79 -5.31 -12.33
CA PRO B 65 -15.52 -4.91 -10.93
C PRO B 65 -16.31 -3.67 -10.50
N ILE B 66 -16.80 -3.68 -9.26
CA ILE B 66 -17.50 -2.49 -8.71
C ILE B 66 -16.49 -1.36 -8.57
N GLY B 67 -16.85 -0.15 -9.00
CA GLY B 67 -15.94 0.98 -8.87
C GLY B 67 -16.63 2.14 -8.20
N TYR B 68 -15.98 3.32 -8.24
CA TYR B 68 -16.51 4.50 -7.59
C TYR B 68 -17.67 5.12 -8.38
N THR B 69 -17.88 4.69 -9.62
CA THR B 69 -19.02 5.20 -10.36
C THR B 69 -20.21 4.25 -10.30
N THR B 70 -20.01 3.07 -9.73
CA THR B 70 -21.01 2.02 -9.88
C THR B 70 -22.33 2.35 -9.17
N PHE B 71 -22.28 2.95 -7.99
CA PHE B 71 -23.55 3.28 -7.31
C PHE B 71 -24.37 4.27 -8.16
N ARG B 72 -23.68 5.23 -8.76
CA ARG B 72 -24.37 6.21 -9.60
C ARG B 72 -24.85 5.57 -10.89
N GLU B 73 -24.12 4.59 -11.40
CA GLU B 73 -24.57 3.93 -12.62
C GLU B 73 -25.83 3.12 -12.34
N PHE B 74 -25.85 2.50 -11.18
CA PHE B 74 -27.05 1.84 -10.66
C PHE B 74 -28.25 2.78 -10.56
N GLN B 75 -28.05 3.97 -9.99
CA GLN B 75 -29.17 4.91 -9.87
C GLN B 75 -29.70 5.27 -11.24
N ASN B 76 -28.80 5.45 -12.20
CA ASN B 76 -29.20 5.78 -13.56
C ASN B 76 -30.03 4.65 -14.18
N VAL B 77 -29.62 3.41 -13.94
CA VAL B 77 -30.38 2.25 -14.41
C VAL B 77 -31.78 2.23 -13.82
N VAL B 78 -31.89 2.49 -12.52
CA VAL B 78 -33.20 2.51 -11.87
C VAL B 78 -34.07 3.63 -12.46
N PHE B 79 -33.49 4.81 -12.59
CA PHE B 79 -34.17 5.95 -13.20
C PHE B 79 -34.73 5.56 -14.59
N ASN B 80 -33.90 4.98 -15.43
CA ASN B 80 -34.31 4.57 -16.78
C ASN B 80 -35.38 3.49 -16.79
N CYS B 81 -35.26 2.50 -15.92
CA CYS B 81 -36.30 1.49 -15.82
C CYS B 81 -37.61 2.06 -15.30
N ALA B 82 -37.55 3.17 -14.55
CA ALA B 82 -38.77 3.78 -14.03
C ALA B 82 -39.39 4.76 -15.03
N ASN B 83 -38.79 4.86 -16.22
CA ASN B 83 -39.13 5.88 -17.18
C ASN B 83 -39.11 7.28 -16.55
N GLY B 84 -38.20 7.47 -15.61
CA GLY B 84 -37.98 8.77 -14.99
C GLY B 84 -38.92 9.11 -13.85
N GLN B 85 -39.97 8.31 -13.67
CA GLN B 85 -40.95 8.60 -12.62
C GLN B 85 -40.39 8.34 -11.22
N GLN B 86 -40.61 9.30 -10.32
CA GLN B 86 -39.82 9.37 -9.22
CA GLN B 86 -39.79 9.37 -9.05
C GLN B 86 -40.51 8.36 -8.23
N GLU B 87 -41.83 8.21 -8.23
CA GLU B 87 -42.50 7.27 -7.35
C GLU B 87 -42.09 5.83 -7.62
N ILE B 88 -41.98 5.48 -8.90
CA ILE B 88 -41.58 4.13 -9.28
C ILE B 88 -40.09 3.90 -8.94
N ALA B 89 -39.25 4.87 -9.24
CA ALA B 89 -37.84 4.76 -8.90
C ALA B 89 -37.72 4.49 -7.40
N ASN B 90 -38.44 5.26 -6.59
CA ASN B 90 -38.35 5.09 -5.14
C ASN B 90 -38.78 3.69 -4.71
N PHE B 91 -39.80 3.15 -5.37
CA PHE B 91 -40.20 1.78 -5.12
C PHE B 91 -39.03 0.81 -5.40
N PHE B 92 -38.31 1.04 -6.48
CA PHE B 92 -37.17 0.19 -6.78
C PHE B 92 -36.04 0.39 -5.79
N PHE B 93 -35.82 1.62 -5.35
CA PHE B 93 -34.71 1.90 -4.44
C PHE B 93 -34.96 1.23 -3.09
N GLU B 94 -36.19 1.36 -2.58
CA GLU B 94 -36.56 0.69 -1.34
C GLU B 94 -36.33 -0.82 -1.45
N MET B 95 -36.81 -1.39 -2.54
CA MET B 95 -36.66 -2.81 -2.80
C MET B 95 -35.18 -3.20 -2.84
N LEU B 96 -34.40 -2.44 -3.60
CA LEU B 96 -33.03 -2.89 -3.95
C LEU B 96 -31.98 -2.47 -2.95
N ILE B 97 -32.21 -1.36 -2.25
CA ILE B 97 -31.22 -0.88 -1.29
C ILE B 97 -31.54 -1.41 0.10
N ASN B 98 -32.82 -1.37 0.47
CA ASN B 98 -33.27 -1.80 1.80
C ASN B 98 -33.95 -3.17 1.87
N GLY B 99 -34.16 -3.80 0.73
CA GLY B 99 -34.77 -5.11 0.69
C GLY B 99 -36.24 -5.10 1.10
N LYS B 100 -36.90 -3.96 0.90
CA LYS B 100 -38.28 -3.79 1.35
C LYS B 100 -39.23 -3.63 0.16
N LEU B 101 -40.26 -4.48 0.08
CA LEU B 101 -41.28 -4.33 -0.97
C LEU B 101 -42.43 -3.47 -0.45
N THR B 102 -42.62 -2.32 -1.08
CA THR B 102 -43.61 -1.33 -0.62
C THR B 102 -44.93 -1.47 -1.36
N GLN B 103 -45.27 -2.72 -1.70
CA GLN B 103 -46.38 -2.98 -2.61
C GLN B 103 -46.57 -4.49 -2.80
N GLU B 104 -47.81 -4.95 -2.76
CA GLU B 104 -48.06 -6.35 -3.08
C GLU B 104 -47.93 -6.58 -4.58
N LEU B 105 -47.34 -7.71 -4.94
CA LEU B 105 -47.09 -8.01 -6.34
C LEU B 105 -47.70 -9.37 -6.66
N ALA B 106 -48.12 -9.54 -7.91
CA ALA B 106 -48.59 -10.84 -8.35
C ALA B 106 -47.47 -11.85 -8.09
N PRO B 107 -47.82 -13.14 -7.99
CA PRO B 107 -46.83 -14.18 -7.69
C PRO B 107 -45.57 -14.13 -8.57
N GLN B 108 -45.74 -13.86 -9.87
CA GLN B 108 -44.62 -13.92 -10.80
C GLN B 108 -43.67 -12.73 -10.63
N GLN B 109 -44.26 -11.54 -10.49
CA GLN B 109 -43.49 -10.33 -10.21
C GLN B 109 -42.84 -10.41 -8.85
N LYS B 110 -43.56 -10.96 -7.88
CA LYS B 110 -43.04 -11.06 -6.52
C LYS B 110 -41.83 -12.00 -6.47
N GLN B 111 -41.89 -13.07 -7.25
CA GLN B 111 -40.78 -14.00 -7.33
C GLN B 111 -39.54 -13.33 -7.90
N ALA B 112 -39.75 -12.53 -8.95
CA ALA B 112 -38.64 -11.85 -9.61
C ALA B 112 -38.01 -10.82 -8.67
N ALA B 113 -38.87 -10.14 -7.90
CA ALA B 113 -38.42 -9.13 -6.95
C ALA B 113 -37.55 -9.71 -5.85
N HIS B 114 -37.97 -10.82 -5.26
CA HIS B 114 -37.15 -11.46 -4.24
C HIS B 114 -35.81 -11.93 -4.80
N SER B 115 -35.83 -12.43 -6.04
CA SER B 115 -34.59 -12.79 -6.72
C SER B 115 -33.65 -11.58 -6.91
N LEU B 116 -34.19 -10.45 -7.38
CA LEU B 116 -33.36 -9.23 -7.53
C LEU B 116 -32.75 -8.81 -6.20
N ILE B 117 -33.55 -8.86 -5.14
CA ILE B 117 -33.07 -8.52 -3.81
C ILE B 117 -31.93 -9.44 -3.38
N ALA B 118 -32.12 -10.75 -3.52
CA ALA B 118 -31.06 -11.68 -3.11
C ALA B 118 -29.79 -11.46 -3.93
N GLU B 119 -29.97 -11.28 -5.23
CA GLU B 119 -28.82 -11.15 -6.13
C GLU B 119 -28.11 -9.78 -6.02
N PHE B 120 -28.86 -8.70 -5.81
CA PHE B 120 -28.22 -7.38 -5.91
C PHE B 120 -28.16 -6.52 -4.66
N MET B 121 -28.89 -6.87 -3.61
CA MET B 121 -28.90 -5.91 -2.50
C MET B 121 -27.49 -5.67 -1.93
N MET B 122 -26.74 -6.75 -1.70
CA MET B 122 -25.42 -6.59 -1.09
CA MET B 122 -25.42 -6.61 -1.10
C MET B 122 -24.41 -5.90 -1.99
N PRO B 123 -24.37 -6.27 -3.29
CA PRO B 123 -23.47 -5.58 -4.24
C PRO B 123 -23.81 -4.10 -4.37
N ILE B 124 -25.10 -3.78 -4.36
CA ILE B 124 -25.50 -2.37 -4.31
C ILE B 124 -25.00 -1.64 -3.07
N ARG B 125 -25.19 -2.27 -1.90
CA ARG B 125 -24.69 -1.72 -0.65
C ARG B 125 -23.18 -1.54 -0.65
N VAL B 126 -22.46 -2.50 -1.22
CA VAL B 126 -21.00 -2.37 -1.34
C VAL B 126 -20.64 -1.24 -2.31
N ALA B 127 -21.37 -1.13 -3.40
CA ALA B 127 -21.10 -0.02 -4.31
C ALA B 127 -21.28 1.34 -3.63
N LYS B 128 -22.32 1.46 -2.79
CA LYS B 128 -22.56 2.69 -2.03
C LYS B 128 -21.45 2.91 -1.00
N ASP B 129 -21.04 1.83 -0.33
CA ASP B 129 -19.91 1.89 0.60
CA ASP B 129 -19.92 1.90 0.61
C ASP B 129 -18.65 2.41 -0.07
N ILE B 130 -18.37 1.89 -1.26
CA ILE B 130 -17.18 2.29 -1.99
C ILE B 130 -17.24 3.77 -2.38
N HIS B 131 -18.38 4.18 -2.93
CA HIS B 131 -18.65 5.58 -3.26
C HIS B 131 -18.30 6.45 -2.04
N GLU B 132 -18.66 5.99 -0.86
CA GLU B 132 -18.50 6.76 0.36
C GLU B 132 -17.16 6.61 1.08
N ARG B 133 -16.56 5.42 1.04
CA ARG B 133 -15.40 5.15 1.86
C ARG B 133 -14.47 4.07 1.27
N GLY B 134 -14.40 4.04 -0.06
CA GLY B 134 -13.68 3.01 -0.78
C GLY B 134 -12.21 2.91 -0.45
N GLU B 135 -11.59 4.03 -0.09
CA GLU B 135 -10.16 4.05 0.21
C GLU B 135 -9.78 3.69 1.64
N PHE B 136 -10.77 3.47 2.50
CA PHE B 136 -10.49 3.09 3.87
C PHE B 136 -9.95 1.66 3.95
N ILE B 137 -9.09 1.42 4.93
CA ILE B 137 -8.57 0.08 5.17
C ILE B 137 -9.75 -0.86 5.50
N ASN B 138 -9.66 -2.09 5.03
CA ASN B 138 -10.69 -3.11 5.28
C ASN B 138 -10.11 -4.36 5.94
N PHE B 139 -8.88 -4.71 5.59
CA PHE B 139 -8.31 -5.96 6.07
C PHE B 139 -6.80 -5.86 5.91
N ILE B 140 -6.05 -6.56 6.76
CA ILE B 140 -4.61 -6.69 6.60
C ILE B 140 -4.15 -8.08 6.97
N THR B 141 -3.23 -8.63 6.19
CA THR B 141 -2.63 -9.92 6.53
C THR B 141 -1.12 -9.75 6.64
N SER B 142 -0.46 -10.59 7.44
CA SER B 142 1.00 -10.57 7.50
C SER B 142 1.47 -12.01 7.57
N ASP B 143 2.47 -12.34 6.75
CA ASP B 143 3.15 -13.63 6.83
C ASP B 143 4.60 -13.39 7.23
N MET B 144 5.04 -14.06 8.28
CA MET B 144 6.41 -13.89 8.76
C MET B 144 7.37 -14.84 8.07
N LEU B 145 8.49 -14.30 7.59
CA LEU B 145 9.51 -15.07 6.86
C LEU B 145 10.87 -14.84 7.51
N THR B 146 11.82 -15.72 7.26
CA THR B 146 13.18 -15.54 7.77
C THR B 146 14.18 -15.58 6.64
N GLN B 147 14.83 -14.44 6.38
CA GLN B 147 15.79 -14.37 5.29
CA GLN B 147 15.79 -14.38 5.29
C GLN B 147 17.09 -13.65 5.67
N GLN B 148 18.20 -14.39 5.60
CA GLN B 148 19.53 -13.85 5.83
C GLN B 148 19.69 -13.22 7.22
N GLU B 149 19.28 -13.95 8.26
CA GLU B 149 19.43 -13.48 9.63
C GLU B 149 18.42 -12.38 9.97
N ARG B 150 17.43 -12.21 9.11
CA ARG B 150 16.41 -11.18 9.29
C ARG B 150 15.00 -11.77 9.39
N CYS B 151 14.24 -11.31 10.37
CA CYS B 151 12.81 -11.62 10.37
CA CYS B 151 12.84 -11.52 10.35
CA CYS B 151 12.81 -11.60 10.35
C CYS B 151 12.03 -10.56 9.59
N ILE B 152 11.40 -11.09 8.54
CA ILE B 152 10.72 -10.19 7.61
CA ILE B 152 10.67 -10.10 7.76
C ILE B 152 9.21 -10.44 7.59
N PHE B 153 8.40 -9.43 7.28
CA PHE B 153 6.96 -9.67 7.16
C PHE B 153 6.48 -9.26 5.78
N LEU B 154 5.74 -10.16 5.14
CA LEU B 154 5.04 -9.83 3.92
C LEU B 154 3.64 -9.40 4.33
N ASN B 155 3.38 -8.10 4.31
CA ASN B 155 2.06 -7.57 4.67
C ASN B 155 1.25 -7.31 3.43
N ARG B 156 -0.07 -7.55 3.50
CA ARG B 156 -0.97 -7.15 2.42
C ARG B 156 -2.07 -6.31 3.04
N LEU B 157 -2.30 -5.12 2.48
CA LEU B 157 -3.30 -4.21 2.95
C LEU B 157 -4.40 -4.22 1.90
N ALA B 158 -5.65 -4.34 2.32
CA ALA B 158 -6.80 -4.38 1.40
C ALA B 158 -7.73 -3.25 1.83
N ARG B 159 -8.24 -2.51 0.85
CA ARG B 159 -9.19 -1.44 1.13
C ARG B 159 -10.64 -1.90 0.93
N VAL B 160 -11.57 -1.06 1.37
CA VAL B 160 -13.01 -1.29 1.15
C VAL B 160 -13.33 -1.53 -0.33
N ASP B 161 -12.63 -0.81 -1.21
CA ASP B 161 -12.82 -1.01 -2.65
C ASP B 161 -12.20 -2.29 -3.22
N GLY B 162 -11.56 -3.09 -2.38
CA GLY B 162 -10.95 -4.33 -2.86
C GLY B 162 -9.53 -4.19 -3.41
N GLN B 163 -9.03 -2.99 -3.57
CA GLN B 163 -7.64 -2.88 -4.05
C GLN B 163 -6.73 -3.31 -2.92
N GLU B 164 -5.62 -3.96 -3.28
CA GLU B 164 -4.66 -4.43 -2.29
C GLU B 164 -3.28 -3.88 -2.56
N PHE B 165 -2.42 -3.91 -1.54
CA PHE B 165 -1.05 -3.45 -1.73
C PHE B 165 -0.16 -4.38 -0.94
N LEU B 166 0.91 -4.86 -1.57
CA LEU B 166 1.89 -5.70 -0.86
C LEU B 166 2.97 -4.78 -0.27
N LEU B 167 3.33 -4.99 1.00
CA LEU B 167 4.34 -4.14 1.62
C LEU B 167 5.21 -5.00 2.53
N MET B 168 6.51 -5.04 2.25
CA MET B 168 7.42 -5.81 3.08
C MET B 168 7.93 -4.90 4.21
N THR B 169 8.07 -5.45 5.41
CA THR B 169 8.74 -4.70 6.49
C THR B 169 9.70 -5.62 7.23
N ASP B 170 10.84 -5.08 7.64
CA ASP B 170 11.67 -5.84 8.59
C ASP B 170 11.29 -5.38 10.03
N VAL B 171 12.04 -5.81 11.04
CA VAL B 171 11.64 -5.50 12.40
C VAL B 171 11.75 -4.00 12.67
N GLN B 172 12.85 -3.40 12.23
CA GLN B 172 12.99 -1.96 12.41
C GLN B 172 11.92 -1.15 11.64
N ASN B 173 11.62 -1.53 10.39
CA ASN B 173 10.53 -0.84 9.62
C ASN B 173 9.24 -0.93 10.42
N THR B 174 8.99 -2.11 11.00
CA THR B 174 7.73 -2.35 11.68
C THR B 174 7.65 -1.43 12.87
N CYS B 175 8.77 -1.32 13.60
CA CYS B 175 8.85 -0.39 14.72
CA CYS B 175 8.84 -0.39 14.71
C CYS B 175 8.60 1.06 14.29
N HIS B 176 9.18 1.46 13.16
CA HIS B 176 9.02 2.83 12.69
C HIS B 176 7.56 3.12 12.31
N LEU B 177 6.94 2.19 11.59
CA LEU B 177 5.54 2.33 11.23
CA LEU B 177 5.54 2.30 11.24
C LEU B 177 4.68 2.51 12.49
N ILE B 178 4.94 1.69 13.50
CA ILE B 178 4.20 1.79 14.75
C ILE B 178 4.39 3.15 15.39
N ARG B 179 5.64 3.62 15.41
CA ARG B 179 5.95 4.95 15.92
CA ARG B 179 5.92 4.94 15.94
C ARG B 179 5.15 6.01 15.15
N HIS B 180 5.17 5.89 13.83
CA HIS B 180 4.42 6.83 13.02
C HIS B 180 2.95 6.87 13.41
N LEU B 181 2.32 5.70 13.49
CA LEU B 181 0.88 5.60 13.74
C LEU B 181 0.53 6.10 15.14
N LEU B 182 1.41 5.83 16.09
CA LEU B 182 1.25 6.29 17.46
C LEU B 182 1.20 7.82 17.46
N ALA B 183 2.12 8.41 16.72
CA ALA B 183 2.19 9.86 16.56
C ALA B 183 0.89 10.43 15.99
N ARG B 184 0.18 9.65 15.19
CA ARG B 184 -1.07 10.13 14.63
C ARG B 184 -2.14 10.12 15.71
N LEU B 185 -2.09 9.11 16.58
CA LEU B 185 -3.05 9.06 17.68
C LEU B 185 -2.82 10.24 18.61
N LEU B 186 -1.56 10.60 18.81
CA LEU B 186 -1.20 11.78 19.60
C LEU B 186 -1.68 13.09 18.94
N GLU B 187 -1.56 13.15 17.62
CA GLU B 187 -2.06 14.27 16.83
C GLU B 187 -3.57 14.39 16.99
N ALA B 188 -4.29 13.28 16.88
CA ALA B 188 -5.76 13.31 17.03
C ALA B 188 -6.15 13.79 18.43
N GLN B 189 -5.38 13.37 19.42
CA GLN B 189 -5.65 13.73 20.80
C GLN B 189 -5.57 15.24 21.04
N LYS B 190 -4.79 15.94 20.22
CA LYS B 190 -4.62 17.40 20.32
C LYS B 190 -5.75 18.17 19.62
N ASN B 191 -6.49 17.47 18.78
CA ASN B 191 -7.64 18.03 18.09
C ASN B 191 -8.91 17.69 18.87
N PRO B 192 -9.80 18.67 19.09
CA PRO B 192 -10.97 18.41 19.95
C PRO B 192 -11.87 17.26 19.45
N VAL B 193 -12.01 17.11 18.13
CA VAL B 193 -12.79 16.02 17.57
C VAL B 193 -12.08 14.68 17.76
N GLY B 194 -10.82 14.61 17.36
CA GLY B 194 -9.99 13.42 17.56
C GLY B 194 -9.92 12.94 18.99
N GLU B 195 -9.91 13.89 19.93
CA GLU B 195 -9.85 13.55 21.36
C GLU B 195 -11.12 12.83 21.80
N LYS B 196 -12.25 13.26 21.27
CA LYS B 196 -13.52 12.58 21.52
C LYS B 196 -13.51 11.17 20.92
N ASN B 197 -12.95 11.02 19.72
CA ASN B 197 -12.85 9.70 19.08
C ASN B 197 -12.05 8.73 19.95
N LEU B 198 -10.92 9.19 20.44
CA LEU B 198 -10.07 8.38 21.32
C LEU B 198 -10.80 7.97 22.59
N GLN B 199 -11.55 8.90 23.18
CA GLN B 199 -12.27 8.56 24.40
C GLN B 199 -13.28 7.43 24.16
N GLU B 200 -13.81 7.33 22.95
CA GLU B 200 -14.73 6.24 22.64
C GLU B 200 -14.11 4.84 22.56
N ILE B 201 -12.79 4.74 22.43
CA ILE B 201 -12.14 3.43 22.23
C ILE B 201 -11.15 3.06 23.34
N GLN B 202 -11.56 3.28 24.59
CA GLN B 202 -10.73 2.99 25.75
C GLN B 202 -10.29 1.52 25.79
N GLU B 203 -11.20 0.62 25.40
CA GLU B 203 -10.88 -0.80 25.43
C GLU B 203 -9.86 -1.17 24.36
N GLU B 204 -9.88 -0.42 23.26
CA GLU B 204 -8.88 -0.54 22.22
C GLU B 204 -7.50 -0.10 22.68
N ILE B 205 -7.45 0.99 23.43
CA ILE B 205 -6.19 1.56 23.88
C ILE B 205 -5.54 0.67 24.93
N THR B 206 -6.34 0.15 25.85
CA THR B 206 -5.86 -0.82 26.83
C THR B 206 -5.25 -2.07 26.18
N SER B 207 -5.86 -2.55 25.10
CA SER B 207 -5.29 -3.64 24.33
C SER B 207 -3.86 -3.32 23.84
N LEU B 208 -3.65 -2.10 23.37
CA LEU B 208 -2.32 -1.68 22.95
C LEU B 208 -1.37 -1.72 24.14
N LYS B 209 -1.89 -1.34 25.31
CA LYS B 209 -1.13 -1.38 26.56
C LYS B 209 -0.54 -2.75 26.85
N ASN B 210 -1.41 -3.76 26.89
CA ASN B 210 -1.00 -5.12 27.18
C ASN B 210 -0.02 -5.69 26.16
N HIS B 211 -0.18 -5.34 24.88
CA HIS B 211 0.76 -5.75 23.86
C HIS B 211 2.11 -5.07 24.06
N PHE B 212 2.08 -3.76 24.36
CA PHE B 212 3.31 -3.01 24.57
CA PHE B 212 3.32 -3.04 24.57
C PHE B 212 4.06 -3.58 25.78
N ASP B 213 3.32 -3.86 26.84
CA ASP B 213 3.86 -4.48 28.05
C ASP B 213 4.55 -5.80 27.74
N GLU B 214 3.87 -6.67 27.01
CA GLU B 214 4.39 -8.00 26.74
C GLU B 214 5.69 -7.88 25.97
N LEU B 215 5.72 -6.97 24.99
CA LEU B 215 6.90 -6.84 24.14
C LEU B 215 8.10 -6.32 24.94
N THR B 216 7.94 -5.18 25.60
CA THR B 216 9.04 -4.60 26.36
C THR B 216 9.57 -5.57 27.43
N LYS B 217 8.65 -6.21 28.16
CA LYS B 217 9.03 -7.15 29.21
C LYS B 217 9.81 -8.35 28.67
N ALA B 218 9.32 -8.92 27.56
CA ALA B 218 9.94 -10.11 26.96
C ALA B 218 11.37 -9.84 26.48
N LEU B 219 11.70 -8.57 26.23
CA LEU B 219 13.07 -8.19 25.89
C LEU B 219 13.85 -7.85 27.16
#